data_3NYA
#
_entry.id   3NYA
#
_cell.length_a   40.577
_cell.length_b   75.730
_cell.length_c   173.403
_cell.angle_alpha   90.00
_cell.angle_beta   90.00
_cell.angle_gamma   90.00
#
_symmetry.space_group_name_H-M   'P 21 21 21'
#
loop_
_entity.id
_entity.type
_entity.pdbx_description
1 polymer 'Beta-2 adrenergic receptor, Lysozyme'
2 non-polymer CHOLESTEROL
3 non-polymer (2S)-1-[(1-methylethyl)amino]-3-(2-prop-2-en-1-ylphenoxy)propan-2-ol
4 water water
#
_entity_poly.entity_id   1
_entity_poly.type   'polypeptide(L)'
_entity_poly.pdbx_seq_one_letter_code
;DYKDDDDAMGQPGNGSAFLLAPNRSHAPDHDVTQQRDEVWVVGMGIVMSLIVLAIVFGNVLVITAIAKFERLQTVTNYFI
TSLACADLVMGLAVVPFGAAHILMKMWTFGNFWCEFWTSIDVLCVTASIWTLCVIAVDRYFAITSPFKYQSLLTKNKARV
IILMVWIVSGLTSFLPIQMHWYRATHQEAINCYAEETCCDFFTNQAYAIASSIVSFYVPLVIMVFVYSRVFQEAKRQLNI
FEMLRIDEGLRLKIYKDTEGYYTIGIGHLLTKSPSLNAAKSELDKAIGRNTNGVITKDEAEKLFNQDVDAAVRGILRNAK
LKPVYDSLDAVRRAALINMVFQMGETGVAGFTNSLRMLQQKRWDEAAVNLAKSRWYNQTPNRAKRVITTFRTGTWDAYKF
CLKEHKALKTLGIIMGTFTLCWLPFFIVNIVHVIQDNLIRKEVYILLNWIGYVNSGFNPLIYCRSPDFRIAFQELLCLRR
SSLKHHHHHH
;
_entity_poly.pdbx_strand_id   A
#
# COMPACT_ATOMS: atom_id res chain seq x y z
N TRP A 40 24.84 3.16 -31.86
CA TRP A 40 24.58 3.57 -30.44
C TRP A 40 23.22 4.24 -30.30
N VAL A 41 22.81 4.98 -31.33
CA VAL A 41 21.47 5.56 -31.40
C VAL A 41 20.41 4.45 -31.50
N VAL A 42 20.77 3.35 -32.13
CA VAL A 42 19.85 2.23 -32.36
C VAL A 42 19.54 1.48 -31.06
N GLY A 43 20.56 1.23 -30.25
CA GLY A 43 20.37 0.54 -28.97
C GLY A 43 19.37 1.27 -28.11
N MET A 44 19.55 2.58 -28.02
CA MET A 44 18.63 3.46 -27.31
C MET A 44 17.18 3.28 -27.75
N GLY A 45 16.97 3.19 -29.07
CA GLY A 45 15.64 3.00 -29.66
C GLY A 45 14.96 1.69 -29.32
N ILE A 46 15.74 0.66 -29.04
CA ILE A 46 15.21 -0.62 -28.58
C ILE A 46 14.80 -0.46 -27.12
N VAL A 47 15.71 0.09 -26.32
CA VAL A 47 15.46 0.38 -24.90
C VAL A 47 14.15 1.16 -24.76
N MET A 48 14.03 2.24 -25.52
CA MET A 48 12.82 3.07 -25.52
C MET A 48 11.56 2.34 -25.97
N SER A 49 11.66 1.54 -27.03
CA SER A 49 10.52 0.79 -27.54
C SER A 49 10.04 -0.22 -26.51
N LEU A 50 11.00 -0.84 -25.83
CA LEU A 50 10.70 -1.76 -24.73
C LEU A 50 9.86 -1.06 -23.67
N ILE A 51 10.23 0.16 -23.34
CA ILE A 51 9.52 0.95 -22.34
C ILE A 51 8.06 1.18 -22.73
N VAL A 52 7.81 1.80 -23.89
CA VAL A 52 6.44 2.01 -24.39
C VAL A 52 5.56 0.75 -24.24
N LEU A 53 6.13 -0.40 -24.59
CA LEU A 53 5.39 -1.65 -24.53
C LEU A 53 5.17 -2.08 -23.09
N ALA A 54 6.14 -1.81 -22.22
CA ALA A 54 6.02 -2.16 -20.80
C ALA A 54 4.94 -1.33 -20.10
N ILE A 55 4.80 -0.08 -20.52
CA ILE A 55 3.77 0.79 -19.96
C ILE A 55 2.41 0.34 -20.44
N VAL A 56 2.23 0.16 -21.74
CA VAL A 56 0.94 -0.28 -22.27
C VAL A 56 0.57 -1.68 -21.79
N PHE A 57 1.48 -2.64 -21.97
CA PHE A 57 1.25 -4.02 -21.50
C PHE A 57 0.87 -3.92 -20.04
N GLY A 58 1.77 -3.38 -19.23
CA GLY A 58 1.55 -3.27 -17.80
C GLY A 58 0.21 -2.67 -17.40
N ASN A 59 -0.10 -1.49 -17.94
CA ASN A 59 -1.29 -0.72 -17.53
C ASN A 59 -2.63 -1.23 -18.03
N VAL A 60 -2.69 -1.73 -19.25
CA VAL A 60 -3.91 -2.37 -19.73
C VAL A 60 -4.20 -3.58 -18.83
N LEU A 61 -3.14 -4.35 -18.53
CA LEU A 61 -3.22 -5.48 -17.62
C LEU A 61 -3.78 -5.11 -16.24
N VAL A 62 -3.50 -3.90 -15.78
CA VAL A 62 -4.05 -3.43 -14.52
C VAL A 62 -5.51 -2.99 -14.70
N ILE A 63 -5.77 -2.26 -15.78
CA ILE A 63 -7.09 -1.75 -16.05
C ILE A 63 -8.09 -2.86 -16.35
N THR A 64 -7.69 -3.82 -17.18
CA THR A 64 -8.60 -4.89 -17.59
C THR A 64 -8.98 -5.82 -16.42
N ALA A 65 -7.99 -6.14 -15.58
CA ALA A 65 -8.22 -6.94 -14.37
C ALA A 65 -9.35 -6.37 -13.53
N ILE A 66 -9.25 -5.07 -13.24
CA ILE A 66 -10.26 -4.36 -12.47
C ILE A 66 -11.62 -4.34 -13.20
N ALA A 67 -11.58 -4.15 -14.51
CA ALA A 67 -12.81 -4.17 -15.33
C ALA A 67 -13.54 -5.52 -15.22
N LYS A 68 -12.78 -6.61 -15.34
CA LYS A 68 -13.35 -7.96 -15.41
C LYS A 68 -13.84 -8.50 -14.06
N PHE A 69 -12.96 -8.49 -13.07
CA PHE A 69 -13.23 -9.16 -11.81
C PHE A 69 -13.90 -8.21 -10.82
N GLU A 70 -15.05 -8.62 -10.30
CA GLU A 70 -15.83 -7.77 -9.40
C GLU A 70 -15.20 -7.69 -8.00
N ARG A 71 -14.38 -8.68 -7.65
CA ARG A 71 -13.69 -8.66 -6.38
C ARG A 71 -12.69 -7.50 -6.32
N LEU A 72 -12.08 -7.17 -7.45
CA LEU A 72 -11.09 -6.09 -7.46
C LEU A 72 -11.71 -4.69 -7.50
N GLN A 73 -13.02 -4.61 -7.76
CA GLN A 73 -13.75 -3.33 -7.77
C GLN A 73 -14.01 -2.77 -6.37
N THR A 74 -13.04 -1.99 -5.88
CA THR A 74 -13.14 -1.34 -4.59
C THR A 74 -12.91 0.15 -4.84
N VAL A 75 -13.08 0.96 -3.81
CA VAL A 75 -12.76 2.38 -3.90
C VAL A 75 -11.26 2.58 -4.18
N THR A 76 -10.40 1.90 -3.44
CA THR A 76 -8.95 2.02 -3.67
C THR A 76 -8.57 1.65 -5.11
N ASN A 77 -9.19 0.59 -5.63
CA ASN A 77 -8.90 0.11 -6.97
C ASN A 77 -9.58 0.91 -8.09
N TYR A 78 -10.55 1.75 -7.73
CA TYR A 78 -11.09 2.71 -8.69
C TYR A 78 -10.08 3.82 -8.99
N PHE A 79 -9.40 4.29 -7.94
CA PHE A 79 -8.40 5.32 -8.08
C PHE A 79 -7.18 4.78 -8.82
N ILE A 80 -6.75 3.58 -8.46
CA ILE A 80 -5.63 2.93 -9.15
C ILE A 80 -5.88 2.78 -10.66
N THR A 81 -7.14 2.63 -11.05
CA THR A 81 -7.52 2.64 -12.47
C THR A 81 -7.23 4.00 -13.13
N SER A 82 -7.66 5.09 -12.48
CA SER A 82 -7.38 6.41 -12.99
C SER A 82 -5.86 6.66 -13.07
N LEU A 83 -5.14 6.11 -12.10
CA LEU A 83 -3.69 6.15 -12.07
C LEU A 83 -3.09 5.35 -13.22
N ALA A 84 -3.71 4.21 -13.53
CA ALA A 84 -3.29 3.36 -14.64
C ALA A 84 -3.66 3.96 -15.99
N CYS A 85 -4.73 4.76 -16.02
CA CYS A 85 -5.14 5.46 -17.25
C CYS A 85 -4.17 6.56 -17.65
N ALA A 86 -3.71 7.30 -16.64
CA ALA A 86 -2.72 8.36 -16.85
C ALA A 86 -1.42 7.74 -17.35
N ASP A 87 -1.06 6.58 -16.79
CA ASP A 87 0.15 5.92 -17.25
C ASP A 87 -0.02 5.34 -18.67
N LEU A 88 -1.21 4.82 -18.99
CA LEU A 88 -1.48 4.32 -20.35
C LEU A 88 -1.50 5.47 -21.39
N VAL A 89 -2.12 6.59 -21.04
CA VAL A 89 -2.10 7.77 -21.91
C VAL A 89 -0.67 8.30 -22.03
N MET A 90 0.08 8.16 -20.96
CA MET A 90 1.49 8.52 -20.97
C MET A 90 2.19 7.64 -21.99
N GLY A 91 2.06 6.33 -21.82
CA GLY A 91 2.73 5.33 -22.67
C GLY A 91 2.29 5.30 -24.13
N LEU A 92 1.00 5.59 -24.38
CA LEU A 92 0.45 5.65 -25.75
C LEU A 92 0.73 7.00 -26.42
N ALA A 93 0.58 8.09 -25.68
CA ALA A 93 0.67 9.44 -26.26
C ALA A 93 1.97 10.18 -25.95
N VAL A 94 2.37 10.22 -24.69
CA VAL A 94 3.55 11.00 -24.33
C VAL A 94 4.85 10.30 -24.72
N VAL A 95 5.07 9.09 -24.23
CA VAL A 95 6.41 8.51 -24.32
C VAL A 95 6.90 8.27 -25.76
N PRO A 96 6.07 7.66 -26.63
CA PRO A 96 6.53 7.36 -27.99
C PRO A 96 7.02 8.61 -28.72
N PHE A 97 6.20 9.66 -28.69
CA PHE A 97 6.54 10.92 -29.35
C PHE A 97 7.78 11.61 -28.75
N GLY A 98 8.06 11.35 -27.48
CA GLY A 98 9.27 11.85 -26.85
C GLY A 98 10.49 11.17 -27.43
N ALA A 99 10.42 9.84 -27.50
CA ALA A 99 11.48 9.02 -28.09
C ALA A 99 11.78 9.41 -29.52
N ALA A 100 10.73 9.65 -30.30
CA ALA A 100 10.88 10.11 -31.68
C ALA A 100 11.54 11.48 -31.71
N HIS A 101 11.09 12.36 -30.82
CA HIS A 101 11.66 13.71 -30.71
C HIS A 101 13.14 13.68 -30.37
N ILE A 102 13.54 12.78 -29.47
CA ILE A 102 14.93 12.69 -29.09
C ILE A 102 15.76 12.18 -30.25
N LEU A 103 15.36 11.06 -30.84
CA LEU A 103 16.21 10.37 -31.84
C LEU A 103 16.31 11.09 -33.18
N MET A 104 15.17 11.57 -33.70
CA MET A 104 15.18 12.45 -34.87
C MET A 104 15.91 13.79 -34.59
N LYS A 105 16.15 14.09 -33.31
CA LYS A 105 16.80 15.35 -32.88
C LYS A 105 15.99 16.60 -33.20
N MET A 106 14.74 16.41 -33.62
CA MET A 106 13.86 17.52 -33.94
C MET A 106 12.41 17.05 -33.97
N TRP A 107 11.52 17.99 -33.68
CA TRP A 107 10.09 17.73 -33.69
C TRP A 107 9.62 17.70 -35.14
N THR A 108 8.80 16.73 -35.50
CA THR A 108 8.31 16.60 -36.86
C THR A 108 6.79 16.48 -36.99
N PHE A 109 6.06 16.73 -35.89
CA PHE A 109 4.61 16.51 -35.88
C PHE A 109 3.75 17.77 -36.04
N GLY A 110 4.40 18.92 -36.23
CA GLY A 110 3.68 20.18 -36.43
C GLY A 110 3.32 20.83 -35.11
N ASN A 111 3.49 22.15 -35.05
CA ASN A 111 3.35 22.91 -33.80
C ASN A 111 2.10 22.65 -32.96
N PHE A 112 1.02 22.16 -33.58
CA PHE A 112 -0.20 21.83 -32.83
C PHE A 112 -0.01 20.64 -31.89
N TRP A 113 0.46 19.53 -32.42
CA TRP A 113 0.68 18.35 -31.58
C TRP A 113 1.85 18.59 -30.62
N CYS A 114 2.75 19.50 -30.95
CA CYS A 114 3.76 19.94 -29.98
C CYS A 114 3.06 20.50 -28.74
N GLU A 115 2.23 21.52 -28.96
CA GLU A 115 1.45 22.10 -27.87
C GLU A 115 0.57 21.05 -27.17
N PHE A 116 -0.05 20.17 -27.97
CA PHE A 116 -0.99 19.18 -27.42
C PHE A 116 -0.24 18.07 -26.66
N TRP A 117 0.83 17.55 -27.27
CA TRP A 117 1.71 16.55 -26.64
C TRP A 117 2.12 16.99 -25.23
N THR A 118 2.46 18.27 -25.11
CA THR A 118 2.83 18.85 -23.83
C THR A 118 1.68 18.82 -22.82
N SER A 119 0.54 19.38 -23.18
CA SER A 119 -0.63 19.43 -22.28
C SER A 119 -1.09 18.04 -21.85
N ILE A 120 -1.07 17.09 -22.76
CA ILE A 120 -1.34 15.69 -22.41
C ILE A 120 -0.34 15.22 -21.36
N ASP A 121 0.95 15.46 -21.64
CA ASP A 121 2.05 15.07 -20.76
C ASP A 121 1.93 15.72 -19.39
N VAL A 122 1.71 17.03 -19.37
CA VAL A 122 1.50 17.73 -18.10
C VAL A 122 0.24 17.20 -17.40
N LEU A 123 -0.82 16.99 -18.16
CA LEU A 123 -2.08 16.49 -17.61
C LEU A 123 -1.91 15.17 -16.84
N CYS A 124 -1.07 14.29 -17.37
CA CYS A 124 -0.87 12.97 -16.78
C CYS A 124 -0.09 13.03 -15.47
N VAL A 125 0.97 13.83 -15.43
CA VAL A 125 1.76 13.98 -14.22
C VAL A 125 0.96 14.66 -13.12
N THR A 126 0.12 15.62 -13.49
CA THR A 126 -0.76 16.29 -12.53
C THR A 126 -1.87 15.36 -12.03
N ALA A 127 -2.51 14.64 -12.93
CA ALA A 127 -3.59 13.72 -12.56
C ALA A 127 -3.05 12.57 -11.73
N SER A 128 -1.80 12.18 -12.01
CA SER A 128 -1.15 11.06 -11.31
C SER A 128 -0.89 11.41 -9.85
N ILE A 129 -0.19 12.51 -9.61
CA ILE A 129 0.16 12.89 -8.24
C ILE A 129 -1.07 13.23 -7.39
N TRP A 130 -2.05 13.91 -7.99
CA TRP A 130 -3.27 14.26 -7.26
C TRP A 130 -4.16 13.06 -7.00
N THR A 131 -4.03 12.00 -7.79
CA THR A 131 -4.73 10.74 -7.51
C THR A 131 -4.10 10.10 -6.29
N LEU A 132 -2.76 10.05 -6.26
CA LEU A 132 -2.02 9.51 -5.12
C LEU A 132 -2.36 10.27 -3.85
N CYS A 133 -2.48 11.60 -3.94
CA CYS A 133 -2.85 12.40 -2.79
C CYS A 133 -4.21 11.97 -2.27
N VAL A 134 -5.21 11.99 -3.14
CA VAL A 134 -6.57 11.52 -2.83
C VAL A 134 -6.60 10.12 -2.20
N ILE A 135 -5.76 9.23 -2.72
CA ILE A 135 -5.61 7.87 -2.18
C ILE A 135 -5.07 7.88 -0.76
N ALA A 136 -4.12 8.75 -0.47
CA ALA A 136 -3.65 8.90 0.90
C ALA A 136 -4.76 9.40 1.84
N VAL A 137 -5.57 10.35 1.37
CA VAL A 137 -6.64 10.90 2.19
C VAL A 137 -7.73 9.85 2.38
N ASP A 138 -8.02 9.10 1.34
CA ASP A 138 -9.04 8.06 1.44
C ASP A 138 -8.62 6.97 2.42
N ARG A 139 -7.34 6.63 2.39
CA ARG A 139 -6.77 5.69 3.36
C ARG A 139 -6.86 6.21 4.80
N TYR A 140 -6.55 7.50 4.96
CA TYR A 140 -6.55 8.12 6.28
C TYR A 140 -7.92 8.09 6.93
N PHE A 141 -8.94 8.43 6.16
CA PHE A 141 -10.29 8.48 6.69
C PHE A 141 -10.86 7.07 6.89
N ALA A 142 -10.32 6.11 6.15
CA ALA A 142 -10.61 4.69 6.38
C ALA A 142 -10.10 4.24 7.75
N ILE A 143 -8.82 4.50 8.03
CA ILE A 143 -8.18 3.92 9.22
C ILE A 143 -8.57 4.57 10.54
N THR A 144 -9.00 5.83 10.50
CA THR A 144 -9.49 6.52 11.70
C THR A 144 -11.02 6.45 11.81
N SER A 145 -11.64 5.61 10.98
CA SER A 145 -13.06 5.27 11.13
C SER A 145 -13.18 3.97 11.93
N PRO A 146 -14.40 3.67 12.42
CA PRO A 146 -14.63 2.39 13.09
C PRO A 146 -14.45 1.19 12.15
N PHE A 147 -14.69 1.43 10.86
CA PHE A 147 -14.37 0.46 9.81
C PHE A 147 -12.96 0.69 9.34
N LYS A 148 -12.00 0.13 10.06
CA LYS A 148 -10.60 0.31 9.67
C LYS A 148 -10.41 -0.41 8.35
N TYR A 149 -9.59 0.17 7.47
CA TYR A 149 -9.20 -0.47 6.21
C TYR A 149 -10.28 -0.44 5.12
N GLN A 150 -11.41 0.20 5.41
CA GLN A 150 -12.52 0.27 4.45
C GLN A 150 -12.87 1.73 4.17
N SER A 151 -12.96 2.08 2.89
CA SER A 151 -13.16 3.48 2.48
C SER A 151 -14.49 4.04 2.98
N LEU A 152 -14.51 5.34 3.27
CA LEU A 152 -15.75 6.04 3.67
C LEU A 152 -16.53 6.54 2.46
N LEU A 153 -15.89 6.56 1.30
CA LEU A 153 -16.55 6.97 0.06
C LEU A 153 -17.37 5.81 -0.48
N THR A 154 -18.44 6.11 -1.21
CA THR A 154 -19.15 5.11 -1.99
C THR A 154 -18.52 4.99 -3.38
N LYS A 155 -18.88 3.93 -4.08
CA LYS A 155 -18.36 3.67 -5.41
C LYS A 155 -18.67 4.86 -6.32
N ASN A 156 -19.91 5.33 -6.23
CA ASN A 156 -20.38 6.45 -7.08
C ASN A 156 -19.75 7.77 -6.71
N LYS A 157 -19.71 8.08 -5.42
CA LYS A 157 -19.08 9.30 -4.94
C LYS A 157 -17.59 9.32 -5.35
N ALA A 158 -16.96 8.14 -5.35
CA ALA A 158 -15.57 8.01 -5.79
C ALA A 158 -15.41 8.34 -7.27
N ARG A 159 -16.25 7.76 -8.12
CA ARG A 159 -16.17 8.01 -9.55
C ARG A 159 -16.11 9.51 -9.86
N VAL A 160 -16.88 10.29 -9.10
CA VAL A 160 -16.95 11.74 -9.28
C VAL A 160 -15.65 12.43 -8.84
N ILE A 161 -15.09 12.00 -7.72
CA ILE A 161 -13.79 12.52 -7.26
C ILE A 161 -12.72 12.35 -8.37
N ILE A 162 -12.79 11.26 -9.12
CA ILE A 162 -11.85 11.04 -10.22
C ILE A 162 -12.12 12.02 -11.37
N LEU A 163 -13.39 12.19 -11.75
CA LEU A 163 -13.75 13.14 -12.82
C LEU A 163 -13.31 14.56 -12.47
N MET A 164 -13.56 14.98 -11.24
CA MET A 164 -13.17 16.33 -10.78
C MET A 164 -11.66 16.53 -10.91
N VAL A 165 -10.90 15.57 -10.37
CA VAL A 165 -9.44 15.59 -10.48
C VAL A 165 -9.00 15.85 -11.91
N TRP A 166 -9.57 15.09 -12.85
CA TRP A 166 -9.26 15.24 -14.28
C TRP A 166 -9.76 16.55 -14.87
N ILE A 167 -10.96 16.98 -14.50
CA ILE A 167 -11.48 18.27 -14.96
C ILE A 167 -10.54 19.40 -14.52
N VAL A 168 -10.31 19.51 -13.21
CA VAL A 168 -9.41 20.55 -12.70
C VAL A 168 -8.00 20.40 -13.27
N SER A 169 -7.48 19.17 -13.33
CA SER A 169 -6.14 18.94 -13.89
C SER A 169 -6.07 19.35 -15.36
N GLY A 170 -7.08 18.97 -16.12
CA GLY A 170 -7.18 19.33 -17.53
C GLY A 170 -7.14 20.84 -17.71
N LEU A 171 -8.00 21.55 -16.99
CA LEU A 171 -8.05 23.00 -17.07
C LEU A 171 -6.69 23.64 -16.74
N THR A 172 -6.08 23.23 -15.62
CA THR A 172 -4.80 23.80 -15.20
C THR A 172 -3.58 23.25 -15.96
N SER A 173 -3.78 22.20 -16.75
CA SER A 173 -2.76 21.71 -17.66
C SER A 173 -2.88 22.36 -19.02
N PHE A 174 -4.11 22.45 -19.54
CA PHE A 174 -4.34 22.89 -20.92
C PHE A 174 -4.37 24.40 -21.11
N LEU A 175 -5.18 25.11 -20.34
CA LEU A 175 -5.33 26.55 -20.51
C LEU A 175 -3.99 27.27 -20.55
N PRO A 176 -3.14 27.09 -19.52
CA PRO A 176 -1.80 27.68 -19.59
C PRO A 176 -1.12 27.43 -20.94
N ILE A 177 -1.18 26.20 -21.42
CA ILE A 177 -0.47 25.82 -22.63
C ILE A 177 -1.13 26.40 -23.87
N GLN A 178 -2.44 26.20 -24.00
CA GLN A 178 -3.16 26.61 -25.22
C GLN A 178 -3.35 28.13 -25.28
N MET A 179 -3.44 28.80 -24.13
CA MET A 179 -3.57 30.25 -24.09
C MET A 179 -2.23 30.98 -24.16
N HIS A 180 -1.14 30.22 -24.33
CA HIS A 180 0.22 30.78 -24.48
C HIS A 180 0.71 31.55 -23.22
N TRP A 181 0.07 31.32 -22.07
CA TRP A 181 0.44 32.02 -20.83
C TRP A 181 1.80 31.54 -20.29
N TYR A 182 2.19 30.33 -20.65
CA TYR A 182 3.44 29.72 -20.21
C TYR A 182 4.66 30.34 -20.86
N ARG A 183 4.47 31.00 -21.99
CA ARG A 183 5.56 31.32 -22.90
C ARG A 183 6.61 32.26 -22.37
N ALA A 184 7.87 31.93 -22.67
CA ALA A 184 9.02 32.77 -22.38
C ALA A 184 9.01 33.98 -23.30
N THR A 185 9.52 35.12 -22.81
CA THR A 185 9.57 36.35 -23.59
C THR A 185 10.87 36.52 -24.39
N HIS A 186 11.96 35.93 -23.90
CA HIS A 186 13.28 36.12 -24.54
C HIS A 186 13.41 35.51 -25.94
N GLN A 187 14.38 36.02 -26.71
CA GLN A 187 14.54 35.72 -28.15
C GLN A 187 14.74 34.24 -28.47
N GLU A 188 15.75 33.62 -27.85
CA GLU A 188 16.02 32.20 -28.06
C GLU A 188 14.77 31.30 -28.00
N ALA A 189 13.82 31.65 -27.14
CA ALA A 189 12.56 30.93 -27.04
C ALA A 189 11.67 31.22 -28.25
N ILE A 190 11.56 32.50 -28.61
CA ILE A 190 10.63 32.95 -29.66
C ILE A 190 10.98 32.37 -31.01
N ASN A 191 12.25 32.01 -31.20
CA ASN A 191 12.70 31.33 -32.42
C ASN A 191 12.20 29.89 -32.47
N CYS A 192 12.13 29.24 -31.31
CA CYS A 192 11.61 27.87 -31.22
C CYS A 192 10.08 27.82 -31.40
N TYR A 193 9.39 28.89 -31.02
CA TYR A 193 7.92 28.94 -31.13
C TYR A 193 7.44 29.00 -32.57
N ALA A 194 7.97 29.98 -33.32
CA ALA A 194 7.61 30.17 -34.74
C ALA A 194 8.20 29.10 -35.67
N GLU A 195 9.04 28.22 -35.15
CA GLU A 195 9.55 27.09 -35.90
C GLU A 195 8.72 25.82 -35.64
N GLU A 196 8.23 25.23 -36.72
CA GLU A 196 7.44 23.99 -36.68
C GLU A 196 8.25 22.75 -36.32
N THR A 197 9.57 22.83 -36.40
CA THR A 197 10.45 21.71 -36.08
C THR A 197 11.17 21.83 -34.73
N CYS A 198 10.91 22.91 -33.98
CA CYS A 198 11.40 23.03 -32.61
C CYS A 198 10.24 22.91 -31.64
N CYS A 199 10.33 21.92 -30.74
CA CYS A 199 9.33 21.69 -29.68
C CYS A 199 9.98 21.64 -28.31
N ASP A 200 11.15 22.27 -28.17
CA ASP A 200 11.80 22.36 -26.87
C ASP A 200 10.91 23.13 -25.92
N PHE A 201 10.75 22.62 -24.70
CA PHE A 201 9.83 23.23 -23.75
C PHE A 201 10.46 24.46 -23.11
N PHE A 202 9.94 25.62 -23.47
CA PHE A 202 10.40 26.89 -22.89
C PHE A 202 9.24 27.59 -22.22
N THR A 203 9.44 27.98 -20.95
CA THR A 203 8.39 28.62 -20.19
C THR A 203 8.93 29.77 -19.35
N ASN A 204 8.07 30.74 -19.02
CA ASN A 204 8.45 31.87 -18.19
C ASN A 204 8.64 31.46 -16.73
N GLN A 205 9.44 32.23 -16.00
CA GLN A 205 9.81 31.87 -14.63
C GLN A 205 8.55 31.64 -13.79
N ALA A 206 7.60 32.58 -13.88
CA ALA A 206 6.41 32.55 -13.04
C ALA A 206 5.54 31.33 -13.27
N TYR A 207 5.41 30.90 -14.53
CA TYR A 207 4.67 29.68 -14.85
C TYR A 207 5.35 28.48 -14.24
N ALA A 208 6.66 28.35 -14.46
CA ALA A 208 7.45 27.26 -13.90
C ALA A 208 7.14 27.08 -12.42
N ILE A 209 7.12 28.19 -11.67
CA ILE A 209 6.86 28.13 -10.23
C ILE A 209 5.40 27.76 -9.96
N ALA A 210 4.47 28.51 -10.57
CA ALA A 210 3.06 28.35 -10.28
C ALA A 210 2.55 26.97 -10.68
N SER A 211 3.00 26.48 -11.83
CA SER A 211 2.63 25.15 -12.31
C SER A 211 3.19 24.05 -11.39
N SER A 212 4.46 24.17 -11.02
CA SER A 212 5.09 23.23 -10.10
C SER A 212 4.39 23.08 -8.75
N ILE A 213 4.19 24.19 -8.06
CA ILE A 213 3.62 24.13 -6.72
C ILE A 213 2.26 23.44 -6.77
N VAL A 214 1.40 23.91 -7.67
CA VAL A 214 0.04 23.38 -7.77
C VAL A 214 -0.01 21.97 -8.35
N SER A 215 0.79 21.73 -9.38
CA SER A 215 0.77 20.43 -10.07
C SER A 215 1.45 19.34 -9.27
N PHE A 216 2.53 19.66 -8.54
CA PHE A 216 3.32 18.62 -7.86
C PHE A 216 3.59 18.87 -6.37
N TYR A 217 4.13 20.03 -6.02
CA TYR A 217 4.61 20.26 -4.65
C TYR A 217 3.52 20.21 -3.59
N VAL A 218 2.37 20.81 -3.89
CA VAL A 218 1.25 20.82 -2.96
C VAL A 218 0.75 19.39 -2.66
N PRO A 219 0.37 18.62 -3.71
CA PRO A 219 -0.14 17.27 -3.48
C PRO A 219 0.92 16.27 -2.98
N LEU A 220 2.17 16.40 -3.42
CA LEU A 220 3.26 15.58 -2.90
C LEU A 220 3.38 15.75 -1.40
N VAL A 221 3.36 17.00 -0.95
CA VAL A 221 3.55 17.33 0.47
C VAL A 221 2.37 16.84 1.30
N ILE A 222 1.16 17.14 0.88
CA ILE A 222 -0.02 16.65 1.61
C ILE A 222 0.00 15.12 1.66
N MET A 223 0.34 14.49 0.53
CA MET A 223 0.46 13.03 0.45
C MET A 223 1.42 12.45 1.47
N VAL A 224 2.65 12.98 1.51
CA VAL A 224 3.66 12.47 2.44
C VAL A 224 3.26 12.73 3.88
N PHE A 225 2.69 13.90 4.15
CA PHE A 225 2.27 14.21 5.51
C PHE A 225 1.20 13.20 5.92
N VAL A 226 0.12 13.15 5.14
CA VAL A 226 -1.03 12.31 5.49
C VAL A 226 -0.63 10.84 5.61
N TYR A 227 0.10 10.32 4.63
CA TYR A 227 0.31 8.87 4.57
C TYR A 227 1.25 8.34 5.65
N SER A 228 2.24 9.13 6.04
CA SER A 228 3.08 8.76 7.18
C SER A 228 2.25 8.68 8.46
N ARG A 229 1.13 9.40 8.50
CA ARG A 229 0.17 9.28 9.60
C ARG A 229 -0.74 8.08 9.43
N VAL A 230 -0.98 7.67 8.19
CA VAL A 230 -1.73 6.43 7.95
C VAL A 230 -0.93 5.22 8.41
N PHE A 231 0.40 5.30 8.32
CA PHE A 231 1.28 4.27 8.89
C PHE A 231 1.30 4.32 10.42
N GLN A 232 1.29 5.52 10.99
CA GLN A 232 1.29 5.65 12.45
C GLN A 232 -0.05 5.25 13.04
N GLU A 233 -1.12 5.45 12.28
CA GLU A 233 -2.43 5.00 12.73
C GLU A 233 -2.54 3.47 12.81
N ALA A 234 -2.07 2.77 11.77
CA ALA A 234 -2.08 1.30 11.74
C ALA A 234 -1.30 0.70 12.91
N LYS A 235 -0.04 1.10 13.00
CA LYS A 235 0.86 0.63 14.05
C LYS A 235 0.19 0.80 15.40
N ARG A 236 -0.22 2.02 15.70
CA ARG A 236 -0.77 2.40 17.01
C ARG A 236 -2.12 1.75 17.30
N GLN A 237 -2.93 1.56 16.26
CA GLN A 237 -4.26 0.96 16.38
C GLN A 237 -4.27 -0.56 16.32
N LEU A 238 -3.10 -1.18 16.47
CA LEU A 238 -3.05 -2.63 16.58
C LEU A 238 -3.59 -3.06 17.93
N ASN A 239 -4.59 -3.93 17.90
CA ASN A 239 -5.15 -4.58 19.07
C ASN A 239 -4.79 -6.06 19.05
N ILE A 240 -5.17 -6.79 20.10
CA ILE A 240 -4.85 -8.20 20.21
C ILE A 240 -5.51 -9.06 19.13
N PHE A 241 -6.72 -8.67 18.72
CA PHE A 241 -7.52 -9.43 17.75
C PHE A 241 -6.77 -9.61 16.42
N GLU A 242 -6.21 -8.51 15.93
CA GLU A 242 -5.36 -8.56 14.76
C GLU A 242 -4.08 -9.37 15.06
N MET A 243 -3.49 -9.16 16.23
CA MET A 243 -2.26 -9.84 16.64
C MET A 243 -2.41 -11.34 16.62
N LEU A 244 -3.51 -11.83 17.20
CA LEU A 244 -3.82 -13.26 17.21
C LEU A 244 -4.15 -13.73 15.80
N ARG A 245 -4.92 -12.94 15.06
CA ARG A 245 -5.24 -13.30 13.67
C ARG A 245 -3.96 -13.54 12.88
N ILE A 246 -3.00 -12.64 13.06
CA ILE A 246 -1.76 -12.69 12.31
C ILE A 246 -1.03 -14.00 12.51
N ASP A 247 -0.86 -14.43 13.76
CA ASP A 247 -0.05 -15.60 14.05
C ASP A 247 -0.86 -16.79 14.53
N GLU A 248 -2.16 -16.78 14.24
CA GLU A 248 -2.99 -17.98 14.40
C GLU A 248 -3.59 -18.40 13.06
N GLY A 249 -3.73 -17.45 12.14
CA GLY A 249 -4.27 -17.71 10.81
C GLY A 249 -5.77 -17.83 10.86
N LEU A 250 -6.39 -18.02 9.69
CA LEU A 250 -7.84 -18.29 9.64
C LEU A 250 -8.20 -19.31 8.55
N ARG A 251 -8.89 -20.36 8.97
CA ARG A 251 -9.38 -21.41 8.08
C ARG A 251 -10.84 -21.65 8.41
N LEU A 252 -11.68 -21.82 7.39
CA LEU A 252 -13.12 -22.06 7.60
C LEU A 252 -13.51 -23.53 7.37
N LYS A 253 -12.53 -24.33 6.94
CA LYS A 253 -12.63 -25.79 6.88
C LYS A 253 -11.91 -26.34 8.11
N ILE A 254 -12.21 -27.58 8.50
CA ILE A 254 -11.53 -28.23 9.63
C ILE A 254 -10.10 -28.65 9.26
N TYR A 255 -9.15 -28.40 10.18
CA TYR A 255 -7.73 -28.69 9.96
C TYR A 255 -7.07 -29.16 11.26
N LYS A 256 -5.76 -29.45 11.21
CA LYS A 256 -5.01 -29.89 12.39
C LYS A 256 -3.91 -28.91 12.78
N ASP A 257 -3.73 -28.67 14.08
CA ASP A 257 -2.61 -27.88 14.58
C ASP A 257 -1.34 -28.74 14.62
N THR A 258 -0.20 -28.11 14.91
CA THR A 258 1.09 -28.83 14.97
C THR A 258 1.18 -29.81 16.15
N GLU A 259 0.29 -29.66 17.14
CA GLU A 259 0.10 -30.66 18.19
C GLU A 259 -0.50 -31.93 17.56
N GLY A 260 -1.51 -31.74 16.70
CA GLY A 260 -2.20 -32.84 16.03
C GLY A 260 -3.71 -32.81 16.14
N TYR A 261 -4.23 -32.00 17.07
CA TYR A 261 -5.67 -31.98 17.37
C TYR A 261 -6.48 -31.17 16.36
N TYR A 262 -7.79 -31.42 16.33
CA TYR A 262 -8.68 -30.77 15.37
C TYR A 262 -9.05 -29.35 15.78
N THR A 263 -8.89 -28.41 14.85
CA THR A 263 -9.09 -26.99 15.11
C THR A 263 -9.92 -26.37 14.00
N ILE A 264 -10.46 -25.18 14.25
CA ILE A 264 -11.19 -24.43 13.23
C ILE A 264 -11.10 -22.93 13.51
N GLY A 265 -11.52 -22.11 12.54
CA GLY A 265 -11.59 -20.67 12.69
C GLY A 265 -10.22 -20.03 12.89
N ILE A 266 -10.16 -19.11 13.84
CA ILE A 266 -8.89 -18.52 14.23
C ILE A 266 -8.41 -19.26 15.46
N GLY A 267 -7.67 -20.35 15.21
CA GLY A 267 -7.12 -21.20 16.26
C GLY A 267 -8.10 -21.55 17.37
N HIS A 268 -9.27 -22.05 17.00
CA HIS A 268 -10.27 -22.48 17.97
C HIS A 268 -10.38 -23.99 17.98
N LEU A 269 -9.75 -24.60 18.97
CA LEU A 269 -9.80 -26.05 19.17
C LEU A 269 -11.26 -26.55 19.37
N LEU A 270 -11.56 -27.70 18.76
CA LEU A 270 -12.89 -28.33 18.86
C LEU A 270 -12.88 -29.53 19.83
N THR A 271 -11.78 -30.30 19.81
CA THR A 271 -11.58 -31.42 20.74
C THR A 271 -10.17 -32.00 20.58
N LYS A 272 -9.69 -32.73 21.58
CA LYS A 272 -8.40 -33.44 21.49
C LYS A 272 -8.60 -34.92 21.16
N SER A 273 -9.86 -35.31 20.97
CA SER A 273 -10.24 -36.64 20.49
C SER A 273 -9.85 -36.82 19.01
N PRO A 274 -9.32 -38.01 18.65
CA PRO A 274 -8.89 -38.25 17.27
C PRO A 274 -10.02 -38.54 16.27
N SER A 275 -11.28 -38.56 16.73
CA SER A 275 -12.43 -38.79 15.85
C SER A 275 -12.93 -37.50 15.20
N LEU A 276 -12.97 -37.50 13.88
CA LEU A 276 -13.40 -36.33 13.08
C LEU A 276 -14.89 -35.98 13.29
N ASN A 277 -15.76 -37.00 13.35
CA ASN A 277 -17.18 -36.79 13.64
C ASN A 277 -17.38 -36.15 15.02
N ALA A 278 -16.48 -36.48 15.95
CA ALA A 278 -16.49 -35.88 17.28
C ALA A 278 -16.23 -34.38 17.18
N ALA A 279 -15.33 -34.00 16.28
CA ALA A 279 -15.06 -32.58 16.02
C ALA A 279 -16.27 -31.90 15.41
N LYS A 280 -16.86 -32.54 14.38
CA LYS A 280 -18.08 -32.03 13.74
C LYS A 280 -19.23 -31.89 14.73
N SER A 281 -19.28 -32.81 15.70
CA SER A 281 -20.31 -32.79 16.74
C SER A 281 -20.10 -31.61 17.69
N GLU A 282 -18.85 -31.38 18.07
CA GLU A 282 -18.50 -30.28 18.99
C GLU A 282 -18.65 -28.90 18.35
N LEU A 283 -18.57 -28.83 17.04
CA LEU A 283 -18.75 -27.58 16.30
C LEU A 283 -20.24 -27.21 16.27
N ASP A 284 -21.06 -28.17 15.83
CA ASP A 284 -22.52 -27.98 15.73
C ASP A 284 -23.10 -27.64 17.10
N LYS A 285 -22.50 -28.21 18.13
CA LYS A 285 -22.83 -27.91 19.52
C LYS A 285 -22.53 -26.43 19.84
N ALA A 286 -21.40 -25.94 19.34
CA ALA A 286 -20.92 -24.58 19.61
C ALA A 286 -21.78 -23.52 18.90
N ILE A 287 -21.86 -23.63 17.58
CA ILE A 287 -22.58 -22.66 16.75
C ILE A 287 -24.09 -22.78 16.93
N GLY A 288 -24.59 -24.02 16.85
CA GLY A 288 -26.03 -24.31 16.88
C GLY A 288 -26.60 -24.52 15.49
N ARG A 289 -25.85 -25.21 14.63
CA ARG A 289 -26.23 -25.42 13.23
C ARG A 289 -25.53 -26.66 12.71
N ASN A 290 -26.11 -27.33 11.72
CA ASN A 290 -25.43 -28.47 11.08
C ASN A 290 -24.40 -27.97 10.06
N THR A 291 -23.21 -27.67 10.57
CA THR A 291 -22.14 -27.06 9.78
C THR A 291 -21.54 -28.01 8.75
N ASN A 292 -21.36 -29.27 9.14
CA ASN A 292 -20.70 -30.27 8.30
C ASN A 292 -19.27 -29.85 7.93
N GLY A 293 -18.59 -29.21 8.88
CA GLY A 293 -17.21 -28.74 8.69
C GLY A 293 -17.06 -27.41 7.97
N VAL A 294 -18.17 -26.72 7.71
CA VAL A 294 -18.13 -25.45 6.97
C VAL A 294 -18.75 -24.32 7.79
N ILE A 295 -18.01 -23.22 7.91
CA ILE A 295 -18.47 -22.02 8.63
C ILE A 295 -18.09 -20.74 7.88
N THR A 296 -18.82 -19.67 8.14
CA THR A 296 -18.50 -18.36 7.56
C THR A 296 -17.65 -17.54 8.53
N LYS A 297 -17.09 -16.43 8.04
CA LYS A 297 -16.31 -15.51 8.88
C LYS A 297 -17.13 -14.97 10.05
N ASP A 298 -18.42 -14.76 9.79
CA ASP A 298 -19.36 -14.29 10.81
C ASP A 298 -19.36 -15.20 12.03
N GLU A 299 -19.43 -16.50 11.78
CA GLU A 299 -19.48 -17.54 12.82
C GLU A 299 -18.09 -17.72 13.45
N ALA A 300 -17.06 -17.43 12.66
CA ALA A 300 -15.68 -17.55 13.12
C ALA A 300 -15.32 -16.43 14.08
N GLU A 301 -15.62 -15.19 13.70
CA GLU A 301 -15.20 -14.04 14.49
C GLU A 301 -16.01 -13.90 15.78
N LYS A 302 -17.20 -14.50 15.80
CA LYS A 302 -18.02 -14.53 17.02
C LYS A 302 -17.39 -15.50 18.03
N LEU A 303 -16.88 -16.62 17.53
CA LEU A 303 -16.13 -17.60 18.34
C LEU A 303 -14.85 -16.97 18.88
N PHE A 304 -14.08 -16.41 17.96
CA PHE A 304 -12.83 -15.72 18.26
C PHE A 304 -13.00 -14.67 19.38
N ASN A 305 -14.07 -13.89 19.32
CA ASN A 305 -14.35 -12.89 20.38
C ASN A 305 -14.67 -13.55 21.72
N GLN A 306 -15.40 -14.66 21.69
CA GLN A 306 -15.70 -15.43 22.89
C GLN A 306 -14.43 -16.06 23.45
N ASP A 307 -13.58 -16.58 22.55
CA ASP A 307 -12.33 -17.22 22.94
C ASP A 307 -11.39 -16.28 23.69
N VAL A 308 -11.22 -15.07 23.17
CA VAL A 308 -10.34 -14.08 23.79
C VAL A 308 -10.88 -13.66 25.16
N ASP A 309 -12.12 -13.18 25.19
CA ASP A 309 -12.75 -12.70 26.43
C ASP A 309 -12.60 -13.70 27.57
N ALA A 310 -12.70 -14.99 27.23
CA ALA A 310 -12.54 -16.07 28.20
C ALA A 310 -11.08 -16.26 28.57
N ALA A 311 -10.20 -16.08 27.59
CA ALA A 311 -8.76 -16.13 27.84
C ALA A 311 -8.34 -14.96 28.73
N VAL A 312 -9.05 -13.85 28.59
CA VAL A 312 -8.82 -12.67 29.44
C VAL A 312 -9.42 -12.88 30.83
N ARG A 313 -10.67 -13.37 30.88
CA ARG A 313 -11.30 -13.78 32.13
C ARG A 313 -10.40 -14.75 32.91
N GLY A 314 -9.83 -15.71 32.20
CA GLY A 314 -8.98 -16.73 32.82
C GLY A 314 -7.76 -16.18 33.51
N ILE A 315 -7.22 -15.08 32.96
CA ILE A 315 -6.03 -14.43 33.53
C ILE A 315 -6.38 -13.68 34.82
N LEU A 316 -7.58 -13.13 34.87
CA LEU A 316 -8.07 -12.43 36.05
C LEU A 316 -8.42 -13.43 37.15
N ARG A 317 -8.96 -14.58 36.76
CA ARG A 317 -9.34 -15.61 37.72
C ARG A 317 -8.11 -16.26 38.33
N ASN A 318 -7.14 -16.63 37.50
CA ASN A 318 -5.89 -17.23 37.98
C ASN A 318 -5.11 -16.29 38.89
N ALA A 319 -4.72 -16.81 40.05
CA ALA A 319 -4.07 -16.00 41.08
C ALA A 319 -2.65 -15.60 40.68
N LYS A 320 -1.96 -16.48 39.98
CA LYS A 320 -0.54 -16.30 39.69
C LYS A 320 -0.31 -15.39 38.47
N LEU A 321 -1.34 -15.21 37.66
CA LEU A 321 -1.25 -14.40 36.43
C LEU A 321 -1.75 -12.96 36.63
N LYS A 322 -2.91 -12.81 37.27
CA LYS A 322 -3.57 -11.51 37.47
C LYS A 322 -2.64 -10.35 37.91
N PRO A 323 -1.79 -10.57 38.95
CA PRO A 323 -0.89 -9.50 39.41
C PRO A 323 0.00 -8.93 38.31
N VAL A 324 0.45 -9.79 37.40
CA VAL A 324 1.34 -9.39 36.33
C VAL A 324 0.58 -8.60 35.26
N TYR A 325 -0.69 -8.96 35.04
CA TYR A 325 -1.51 -8.32 34.01
C TYR A 325 -1.79 -6.84 34.30
N ASP A 326 -2.04 -6.53 35.56
CA ASP A 326 -2.29 -5.15 36.01
C ASP A 326 -1.02 -4.30 35.90
N SER A 327 0.11 -4.97 36.00
CA SER A 327 1.43 -4.34 35.90
C SER A 327 1.75 -3.84 34.49
N LEU A 328 1.08 -4.39 33.49
CA LEU A 328 1.46 -4.19 32.10
C LEU A 328 0.74 -3.05 31.38
N ASP A 329 1.42 -2.49 30.39
CA ASP A 329 0.83 -1.54 29.44
C ASP A 329 -0.02 -2.28 28.40
N ALA A 330 -0.92 -1.55 27.76
CA ALA A 330 -1.90 -2.10 26.80
C ALA A 330 -1.30 -3.10 25.82
N VAL A 331 -0.06 -2.84 25.38
CA VAL A 331 0.60 -3.66 24.36
C VAL A 331 0.99 -5.04 24.90
N ARG A 332 1.82 -5.03 25.94
CA ARG A 332 2.27 -6.27 26.58
C ARG A 332 1.13 -7.03 27.27
N ARG A 333 0.08 -6.30 27.63
CA ARG A 333 -1.18 -6.90 28.08
C ARG A 333 -1.70 -7.86 27.01
N ALA A 334 -1.62 -7.43 25.75
CA ALA A 334 -2.06 -8.24 24.62
C ALA A 334 -1.09 -9.38 24.36
N ALA A 335 0.19 -9.13 24.61
CA ALA A 335 1.21 -10.17 24.50
C ALA A 335 0.96 -11.29 25.51
N LEU A 336 0.49 -10.93 26.70
CA LEU A 336 0.18 -11.92 27.72
C LEU A 336 -1.06 -12.74 27.38
N ILE A 337 -2.05 -12.14 26.74
CA ILE A 337 -3.26 -12.89 26.36
C ILE A 337 -2.95 -13.85 25.21
N ASN A 338 -2.05 -13.42 24.31
CA ASN A 338 -1.65 -14.22 23.16
C ASN A 338 -1.16 -15.63 23.56
N MET A 339 -0.34 -15.68 24.62
CA MET A 339 0.17 -16.95 25.15
C MET A 339 -0.96 -17.80 25.73
N VAL A 340 -1.74 -17.19 26.62
CA VAL A 340 -2.84 -17.87 27.28
C VAL A 340 -3.78 -18.50 26.25
N PHE A 341 -4.05 -17.75 25.19
CA PHE A 341 -4.85 -18.24 24.06
C PHE A 341 -4.29 -19.54 23.51
N GLN A 342 -2.96 -19.57 23.36
CA GLN A 342 -2.26 -20.70 22.77
C GLN A 342 -2.13 -21.89 23.71
N MET A 343 -1.68 -21.65 24.94
CA MET A 343 -1.23 -22.72 25.85
C MET A 343 -2.13 -23.00 27.04
N GLY A 344 -3.10 -22.13 27.29
CA GLY A 344 -4.01 -22.31 28.42
C GLY A 344 -3.55 -21.54 29.64
N GLU A 345 -4.47 -21.33 30.56
CA GLU A 345 -4.22 -20.51 31.75
C GLU A 345 -3.20 -21.17 32.67
N THR A 346 -3.33 -22.49 32.83
CA THR A 346 -2.43 -23.30 33.63
C THR A 346 -1.00 -23.20 33.16
N GLY A 347 -0.79 -23.51 31.88
CA GLY A 347 0.55 -23.54 31.30
C GLY A 347 1.29 -22.23 31.41
N VAL A 348 0.61 -21.15 31.07
CA VAL A 348 1.21 -19.81 31.06
C VAL A 348 1.51 -19.34 32.50
N ALA A 349 0.79 -19.92 33.47
CA ALA A 349 1.11 -19.72 34.90
C ALA A 349 2.32 -20.57 35.33
N GLY A 350 2.87 -21.36 34.41
CA GLY A 350 4.05 -22.15 34.67
C GLY A 350 5.34 -21.34 34.66
N PHE A 351 5.39 -20.30 33.82
CA PHE A 351 6.63 -19.53 33.63
C PHE A 351 6.78 -18.51 34.75
N THR A 352 7.02 -19.01 35.96
CA THR A 352 7.02 -18.15 37.15
C THR A 352 8.13 -17.11 37.09
N ASN A 353 9.27 -17.49 36.52
CA ASN A 353 10.41 -16.59 36.43
C ASN A 353 10.14 -15.48 35.44
N SER A 354 9.66 -15.86 34.27
CA SER A 354 9.24 -14.89 33.25
C SER A 354 8.21 -13.93 33.86
N LEU A 355 7.29 -14.47 34.65
CA LEU A 355 6.29 -13.66 35.33
C LEU A 355 6.85 -12.88 36.53
N ARG A 356 7.89 -13.40 37.17
CA ARG A 356 8.61 -12.64 38.20
C ARG A 356 9.11 -11.34 37.57
N MET A 357 9.87 -11.49 36.50
CA MET A 357 10.57 -10.36 35.88
C MET A 357 9.67 -9.41 35.07
N LEU A 358 8.59 -9.93 34.49
CA LEU A 358 7.62 -9.06 33.80
C LEU A 358 6.89 -8.15 34.79
N GLN A 359 6.71 -8.65 36.01
CA GLN A 359 6.08 -7.90 37.08
C GLN A 359 7.02 -6.81 37.55
N GLN A 360 8.29 -7.02 37.25
CA GLN A 360 9.35 -6.19 37.77
C GLN A 360 9.85 -5.28 36.67
N LYS A 361 9.28 -5.46 35.48
CA LYS A 361 9.46 -4.55 34.35
C LYS A 361 10.78 -4.80 33.62
N ARG A 362 11.48 -5.86 33.99
CA ARG A 362 12.78 -6.17 33.40
C ARG A 362 12.55 -6.98 32.13
N TRP A 363 12.04 -6.28 31.11
CA TRP A 363 11.57 -6.90 29.87
C TRP A 363 12.68 -7.69 29.20
N ASP A 364 13.90 -7.16 29.20
CA ASP A 364 15.04 -7.81 28.57
C ASP A 364 15.42 -9.10 29.29
N GLU A 365 15.21 -9.12 30.60
CA GLU A 365 15.56 -10.27 31.43
C GLU A 365 14.51 -11.36 31.27
N ALA A 366 13.25 -10.94 31.21
CA ALA A 366 12.13 -11.86 31.01
C ALA A 366 12.18 -12.55 29.64
N ALA A 367 12.63 -11.84 28.61
CA ALA A 367 12.77 -12.40 27.27
C ALA A 367 13.80 -13.54 27.17
N VAL A 368 14.81 -13.53 28.04
CA VAL A 368 15.82 -14.57 28.05
C VAL A 368 15.20 -15.87 28.55
N ASN A 369 14.45 -15.78 29.65
CA ASN A 369 13.81 -16.93 30.27
C ASN A 369 12.69 -17.52 29.43
N LEU A 370 11.99 -16.67 28.68
CA LEU A 370 10.95 -17.13 27.74
C LEU A 370 11.59 -17.87 26.57
N ALA A 371 12.84 -17.54 26.27
CA ALA A 371 13.62 -18.27 25.27
C ALA A 371 14.00 -19.65 25.80
N LYS A 372 14.37 -19.69 27.08
CA LYS A 372 14.63 -20.94 27.79
C LYS A 372 13.29 -21.63 28.10
N SER A 373 12.64 -22.13 27.06
CA SER A 373 11.34 -22.77 27.23
C SER A 373 11.02 -23.68 26.06
N ARG A 374 10.21 -24.69 26.33
CA ARG A 374 9.74 -25.62 25.32
C ARG A 374 8.88 -24.91 24.29
N TRP A 375 8.27 -23.80 24.71
CA TRP A 375 7.42 -22.95 23.85
C TRP A 375 8.19 -22.36 22.67
N TYR A 376 9.44 -21.94 22.91
CA TYR A 376 10.34 -21.54 21.84
C TYR A 376 10.57 -22.71 20.87
N ASN A 377 10.91 -23.88 21.44
CA ASN A 377 11.19 -25.09 20.66
C ASN A 377 9.99 -25.56 19.82
N GLN A 378 8.79 -25.52 20.39
CA GLN A 378 7.57 -25.98 19.69
C GLN A 378 7.16 -25.03 18.54
N THR A 379 7.01 -23.74 18.84
CA THR A 379 6.60 -22.75 17.83
C THR A 379 7.47 -21.51 17.92
N PRO A 380 8.53 -21.44 17.10
CA PRO A 380 9.54 -20.38 17.26
C PRO A 380 9.13 -19.03 16.65
N ASN A 381 8.49 -19.05 15.48
CA ASN A 381 8.11 -17.82 14.78
C ASN A 381 7.14 -16.99 15.59
N ARG A 382 6.19 -17.66 16.23
CA ARG A 382 5.23 -16.98 17.08
C ARG A 382 5.92 -16.50 18.35
N ALA A 383 6.72 -17.38 18.94
CA ALA A 383 7.46 -17.06 20.15
C ALA A 383 8.28 -15.81 19.95
N LYS A 384 9.10 -15.81 18.90
CA LYS A 384 9.92 -14.65 18.54
C LYS A 384 9.07 -13.37 18.59
N ARG A 385 7.98 -13.37 17.82
CA ARG A 385 7.09 -12.21 17.71
C ARG A 385 6.52 -11.78 19.07
N VAL A 386 6.01 -12.76 19.82
CA VAL A 386 5.42 -12.48 21.12
C VAL A 386 6.49 -12.00 22.12
N ILE A 387 7.65 -12.64 22.14
CA ILE A 387 8.76 -12.23 23.01
C ILE A 387 9.18 -10.77 22.74
N THR A 388 9.38 -10.41 21.47
CA THR A 388 9.75 -9.04 21.10
C THR A 388 8.75 -8.02 21.66
N THR A 389 7.46 -8.35 21.55
CA THR A 389 6.43 -7.47 22.07
C THR A 389 6.62 -7.21 23.56
N PHE A 390 6.99 -8.24 24.31
CA PHE A 390 7.33 -8.11 25.74
C PHE A 390 8.59 -7.25 25.89
N ARG A 391 9.58 -7.53 25.06
CA ARG A 391 10.89 -6.84 25.09
C ARG A 391 10.80 -5.35 24.93
N THR A 392 10.31 -4.93 23.76
CA THR A 392 10.30 -3.53 23.37
C THR A 392 9.05 -2.87 23.91
N GLY A 393 7.93 -3.57 23.82
CA GLY A 393 6.64 -3.00 24.23
C GLY A 393 5.92 -2.37 23.07
N THR A 394 6.41 -2.60 21.85
CA THR A 394 5.84 -2.04 20.63
C THR A 394 5.40 -3.16 19.65
N TRP A 395 4.66 -2.77 18.60
CA TRP A 395 4.17 -3.73 17.62
C TRP A 395 5.18 -4.02 16.51
N ASP A 396 6.42 -3.60 16.71
CA ASP A 396 7.43 -3.67 15.63
C ASP A 396 7.71 -5.07 15.08
N ALA A 397 7.34 -6.11 15.83
CA ALA A 397 7.45 -7.49 15.35
C ALA A 397 6.27 -7.91 14.47
N TYR A 398 5.22 -7.07 14.45
CA TYR A 398 3.98 -7.37 13.73
C TYR A 398 3.63 -6.37 12.62
N LYS A 399 4.55 -5.46 12.32
CA LYS A 399 4.33 -4.49 11.25
C LYS A 399 4.24 -5.22 9.92
N PHE A 400 3.29 -4.79 9.09
CA PHE A 400 3.10 -5.30 7.74
C PHE A 400 2.75 -6.80 7.70
N CYS A 401 2.25 -7.34 8.81
CA CYS A 401 1.92 -8.76 8.90
C CYS A 401 0.47 -9.03 8.53
N LEU A 402 -0.43 -8.15 8.94
CA LEU A 402 -1.85 -8.26 8.61
C LEU A 402 -2.10 -7.96 7.13
N LYS A 403 -3.18 -8.50 6.56
CA LYS A 403 -3.40 -8.38 5.11
C LYS A 403 -3.57 -6.94 4.65
N GLU A 404 -4.45 -6.20 5.33
CA GLU A 404 -4.73 -4.81 4.97
C GLU A 404 -3.56 -3.90 5.34
N HIS A 405 -2.65 -4.42 6.16
CA HIS A 405 -1.37 -3.77 6.46
C HIS A 405 -0.36 -4.01 5.35
N LYS A 406 -0.44 -5.15 4.69
CA LYS A 406 0.33 -5.39 3.47
C LYS A 406 -0.27 -4.53 2.34
N ALA A 407 -1.60 -4.48 2.27
CA ALA A 407 -2.29 -3.68 1.27
C ALA A 407 -1.84 -2.22 1.40
N LEU A 408 -1.68 -1.76 2.63
CA LEU A 408 -1.24 -0.39 2.87
C LEU A 408 0.20 -0.13 2.41
N LYS A 409 1.09 -1.09 2.66
CA LYS A 409 2.52 -0.94 2.29
C LYS A 409 2.68 -0.85 0.77
N THR A 410 1.94 -1.68 0.06
CA THR A 410 1.95 -1.67 -1.39
C THR A 410 1.60 -0.26 -1.87
N LEU A 411 0.49 0.29 -1.36
CA LEU A 411 0.11 1.67 -1.63
C LEU A 411 1.20 2.65 -1.21
N GLY A 412 1.92 2.32 -0.15
CA GLY A 412 3.07 3.11 0.28
C GLY A 412 4.20 3.06 -0.73
N ILE A 413 4.35 1.92 -1.38
CA ILE A 413 5.47 1.71 -2.31
C ILE A 413 5.24 2.43 -3.65
N ILE A 414 4.01 2.44 -4.16
CA ILE A 414 3.73 3.20 -5.38
C ILE A 414 3.95 4.70 -5.15
N MET A 415 3.46 5.19 -4.02
CA MET A 415 3.63 6.61 -3.61
C MET A 415 5.08 7.04 -3.46
N GLY A 416 5.87 6.23 -2.76
CA GLY A 416 7.30 6.54 -2.56
C GLY A 416 8.09 6.51 -3.85
N THR A 417 7.70 5.61 -4.76
CA THR A 417 8.41 5.48 -6.03
C THR A 417 8.18 6.69 -6.93
N PHE A 418 6.92 7.12 -7.05
CA PHE A 418 6.55 8.30 -7.82
C PHE A 418 7.32 9.50 -7.31
N THR A 419 7.49 9.58 -6.00
CA THR A 419 8.30 10.63 -5.39
C THR A 419 9.75 10.55 -5.89
N LEU A 420 10.36 9.38 -5.74
CA LEU A 420 11.76 9.20 -6.13
C LEU A 420 11.98 9.39 -7.62
N CYS A 421 10.96 9.09 -8.42
CA CYS A 421 11.07 9.18 -9.88
C CYS A 421 10.97 10.61 -10.42
N TRP A 422 10.14 11.44 -9.80
CA TRP A 422 9.95 12.81 -10.28
C TRP A 422 10.70 13.90 -9.48
N LEU A 423 10.85 13.70 -8.16
CA LEU A 423 11.43 14.73 -7.29
C LEU A 423 12.76 15.32 -7.79
N PRO A 424 13.69 14.49 -8.29
CA PRO A 424 14.91 15.10 -8.86
C PRO A 424 14.58 16.09 -9.98
N PHE A 425 13.79 15.64 -10.95
CA PHE A 425 13.33 16.48 -12.07
C PHE A 425 12.66 17.78 -11.61
N PHE A 426 11.80 17.70 -10.60
CA PHE A 426 11.02 18.88 -10.20
C PHE A 426 11.82 19.86 -9.38
N ILE A 427 12.75 19.35 -8.58
CA ILE A 427 13.66 20.19 -7.82
C ILE A 427 14.56 20.94 -8.80
N VAL A 428 15.22 20.18 -9.67
CA VAL A 428 16.11 20.72 -10.71
C VAL A 428 15.38 21.74 -11.62
N ASN A 429 14.09 21.51 -11.84
CA ASN A 429 13.25 22.46 -12.55
C ASN A 429 13.18 23.79 -11.81
N ILE A 430 13.04 23.74 -10.49
CA ILE A 430 13.00 24.95 -9.65
C ILE A 430 14.36 25.62 -9.53
N VAL A 431 15.42 24.80 -9.51
CA VAL A 431 16.79 25.33 -9.43
C VAL A 431 17.28 25.94 -10.76
N HIS A 432 16.63 25.57 -11.85
CA HIS A 432 16.85 26.25 -13.14
C HIS A 432 16.29 27.68 -13.11
N VAL A 433 15.13 27.85 -12.48
CA VAL A 433 14.46 29.16 -12.41
C VAL A 433 15.20 30.13 -11.47
N ILE A 434 15.82 29.59 -10.42
CA ILE A 434 16.66 30.39 -9.52
C ILE A 434 18.05 30.66 -10.12
N GLN A 435 18.66 29.63 -10.73
CA GLN A 435 19.99 29.72 -11.34
C GLN A 435 19.94 29.29 -12.81
N ASP A 436 19.84 30.28 -13.71
CA ASP A 436 19.59 30.04 -15.14
C ASP A 436 20.56 29.06 -15.81
N ASN A 437 21.83 29.09 -15.39
CA ASN A 437 22.93 28.35 -16.07
C ASN A 437 23.32 26.96 -15.53
N LEU A 438 22.78 26.56 -14.37
CA LEU A 438 23.13 25.27 -13.75
C LEU A 438 22.57 24.03 -14.50
N ILE A 439 21.46 24.19 -15.22
CA ILE A 439 20.74 23.05 -15.78
C ILE A 439 20.75 22.98 -17.32
N ARG A 440 21.59 22.08 -17.84
CA ARG A 440 21.73 21.86 -19.29
C ARG A 440 20.51 21.10 -19.85
N LYS A 441 20.38 21.07 -21.16
CA LYS A 441 19.32 20.30 -21.82
C LYS A 441 19.39 18.81 -21.46
N GLU A 442 20.56 18.21 -21.68
CA GLU A 442 20.78 16.77 -21.45
C GLU A 442 20.24 16.31 -20.09
N VAL A 443 20.46 17.11 -19.06
CA VAL A 443 20.07 16.75 -17.69
C VAL A 443 18.54 16.83 -17.51
N TYR A 444 17.94 17.92 -17.99
CA TYR A 444 16.49 18.09 -17.95
C TYR A 444 15.79 16.90 -18.63
N ILE A 445 16.18 16.59 -19.85
CA ILE A 445 15.60 15.46 -20.57
C ILE A 445 15.84 14.12 -19.85
N LEU A 446 17.07 13.85 -19.41
CA LEU A 446 17.35 12.59 -18.69
C LEU A 446 16.51 12.43 -17.43
N LEU A 447 16.45 13.48 -16.61
CA LEU A 447 15.67 13.46 -15.36
C LEU A 447 14.20 13.29 -15.66
N ASN A 448 13.72 13.99 -16.69
CA ASN A 448 12.34 13.86 -17.14
C ASN A 448 12.01 12.42 -17.50
N TRP A 449 13.03 11.69 -17.93
CA TRP A 449 12.85 10.35 -18.46
C TRP A 449 12.84 9.27 -17.38
N ILE A 450 13.34 9.60 -16.19
CA ILE A 450 13.14 8.75 -15.01
C ILE A 450 11.69 8.83 -14.58
N GLY A 451 11.12 10.02 -14.71
CA GLY A 451 9.69 10.23 -14.50
C GLY A 451 8.84 9.41 -15.46
N TYR A 452 9.25 9.36 -16.73
CA TYR A 452 8.55 8.55 -17.74
C TYR A 452 8.60 7.05 -17.40
N VAL A 453 9.78 6.58 -17.03
CA VAL A 453 9.98 5.18 -16.62
C VAL A 453 9.10 4.78 -15.41
N ASN A 454 8.68 5.75 -14.63
CA ASN A 454 7.75 5.52 -13.53
C ASN A 454 6.39 4.93 -13.94
N SER A 455 6.00 5.14 -15.19
CA SER A 455 4.67 4.70 -15.68
C SER A 455 4.57 3.20 -15.93
N GLY A 456 5.69 2.50 -15.88
CA GLY A 456 5.70 1.06 -16.05
C GLY A 456 5.84 0.29 -14.75
N PHE A 457 6.30 0.95 -13.69
CA PHE A 457 6.60 0.26 -12.43
C PHE A 457 5.36 -0.22 -11.66
N ASN A 458 4.28 0.56 -11.71
CA ASN A 458 3.11 0.28 -10.86
C ASN A 458 2.52 -1.12 -11.03
N PRO A 459 2.29 -1.57 -12.27
CA PRO A 459 1.81 -2.94 -12.50
C PRO A 459 2.68 -4.01 -11.84
N LEU A 460 3.99 -3.86 -11.97
CA LEU A 460 4.94 -4.75 -11.30
C LEU A 460 4.78 -4.70 -9.77
N ILE A 461 4.55 -3.51 -9.24
CA ILE A 461 4.43 -3.34 -7.79
C ILE A 461 3.12 -3.93 -7.25
N TYR A 462 2.10 -3.99 -8.09
CA TYR A 462 0.83 -4.62 -7.71
C TYR A 462 0.92 -6.16 -7.58
N CYS A 463 1.99 -6.76 -8.13
CA CYS A 463 2.24 -8.20 -7.95
C CYS A 463 2.56 -8.58 -6.50
N ARG A 464 2.71 -7.58 -5.63
CA ARG A 464 2.72 -7.81 -4.19
C ARG A 464 1.36 -8.30 -3.71
N SER A 465 0.30 -7.69 -4.23
CA SER A 465 -1.06 -8.06 -3.87
C SER A 465 -1.45 -9.41 -4.48
N PRO A 466 -1.73 -10.41 -3.63
CA PRO A 466 -2.15 -11.74 -4.11
C PRO A 466 -3.53 -11.75 -4.77
N ASP A 467 -4.32 -10.70 -4.55
CA ASP A 467 -5.55 -10.45 -5.29
C ASP A 467 -5.21 -10.10 -6.75
N PHE A 468 -4.26 -9.19 -6.92
CA PHE A 468 -3.82 -8.74 -8.25
C PHE A 468 -2.98 -9.78 -8.98
N ARG A 469 -2.20 -10.55 -8.22
CA ARG A 469 -1.36 -11.60 -8.79
C ARG A 469 -2.22 -12.69 -9.42
N ILE A 470 -3.15 -13.24 -8.64
CA ILE A 470 -4.13 -14.21 -9.14
C ILE A 470 -4.89 -13.67 -10.37
N ALA A 471 -5.08 -12.36 -10.40
CA ALA A 471 -5.81 -11.72 -11.50
C ALA A 471 -4.96 -11.64 -12.75
N PHE A 472 -3.71 -11.26 -12.59
CA PHE A 472 -2.81 -11.14 -13.73
C PHE A 472 -2.63 -12.48 -14.41
N GLN A 473 -2.45 -13.55 -13.63
CA GLN A 473 -2.25 -14.88 -14.23
C GLN A 473 -3.47 -15.39 -14.97
N GLU A 474 -4.65 -15.21 -14.39
CA GLU A 474 -5.88 -15.60 -15.07
C GLU A 474 -6.03 -14.88 -16.41
N LEU A 475 -5.70 -13.59 -16.44
CA LEU A 475 -5.81 -12.78 -17.67
C LEU A 475 -4.75 -13.14 -18.71
N LEU A 476 -3.54 -13.41 -18.24
CA LEU A 476 -2.45 -13.88 -19.09
C LEU A 476 -2.57 -15.38 -19.37
N CYS A 477 -3.67 -15.99 -18.93
CA CYS A 477 -3.98 -17.40 -19.15
C CYS A 477 -2.82 -18.37 -18.83
N LEU A 478 -2.15 -18.12 -17.70
CA LEU A 478 -1.12 -19.03 -17.18
C LEU A 478 -1.75 -20.20 -16.41
#